data_4QYD
#
_entry.id   4QYD
#
_cell.length_a   75.100
_cell.length_b   75.100
_cell.length_c   86.300
_cell.angle_alpha   90.00
_cell.angle_beta   90.00
_cell.angle_gamma   90.00
#
_symmetry.space_group_name_H-M   'P 43 21 2'
#
loop_
_entity.id
_entity.type
_entity.pdbx_description
1 polymer Peregrin
2 polymer 'Histone H4'
3 water water
#
loop_
_entity_poly.entity_id
_entity_poly.type
_entity_poly.pdbx_seq_one_letter_code
_entity_poly.pdbx_strand_id
1 'polypeptide(L)'
;GPLQLTPFLILLRKTLEQLQEKDTGNIFSEPVPLSEVPDYLDHIKKPMDFFTMKQNLEAYRYLNFDDFEEDFNLIVSNCL
KYNAKDTIFYRAAVRLREQGGAVLRQARRQAEKMGID
;
A
2 'polypeptide(L)' GKGGKGLG(ALY)GGAKR B
#
# COMPACT_ATOMS: atom_id res chain seq x y z
N GLN A 4 -20.00 6.00 10.71
CA GLN A 4 -20.22 7.24 9.97
C GLN A 4 -18.97 7.68 9.21
N LEU A 5 -19.17 8.34 8.08
CA LEU A 5 -18.09 8.64 7.14
C LEU A 5 -16.97 9.54 7.69
N THR A 6 -17.33 10.61 8.40
CA THR A 6 -16.33 11.52 8.95
C THR A 6 -15.31 10.83 9.89
N PRO A 7 -15.78 10.16 10.96
CA PRO A 7 -14.81 9.47 11.81
C PRO A 7 -14.05 8.36 11.08
N PHE A 8 -14.69 7.74 10.10
CA PHE A 8 -14.03 6.67 9.35
C PHE A 8 -12.89 7.22 8.49
N LEU A 9 -13.11 8.35 7.83
CA LEU A 9 -12.06 8.94 7.00
C LEU A 9 -10.88 9.43 7.84
N ILE A 10 -11.18 9.95 9.02
CA ILE A 10 -10.14 10.35 9.96
C ILE A 10 -9.30 9.13 10.36
N LEU A 11 -9.96 8.01 10.59
CA LEU A 11 -9.26 6.75 10.90
C LEU A 11 -8.35 6.34 9.74
N LEU A 12 -8.87 6.42 8.52
CA LEU A 12 -8.08 6.02 7.36
C LEU A 12 -6.85 6.91 7.17
N ARG A 13 -7.03 8.22 7.35
CA ARG A 13 -5.91 9.16 7.22
C ARG A 13 -4.80 8.83 8.22
N LYS A 14 -5.18 8.63 9.48
CA LYS A 14 -4.22 8.26 10.51
C LYS A 14 -3.54 6.93 10.18
N THR A 15 -4.33 5.96 9.71
CA THR A 15 -3.79 4.66 9.37
C THR A 15 -2.79 4.78 8.23
N LEU A 16 -3.16 5.54 7.19
CA LEU A 16 -2.28 5.74 6.05
C LEU A 16 -0.99 6.45 6.45
N GLU A 17 -1.10 7.44 7.34
CA GLU A 17 0.08 8.14 7.84
C GLU A 17 1.04 7.20 8.56
N GLN A 18 0.48 6.33 9.41
CA GLN A 18 1.31 5.33 10.10
C GLN A 18 1.97 4.33 9.15
N LEU A 19 1.24 3.88 8.12
CA LEU A 19 1.82 2.96 7.12
C LEU A 19 2.96 3.63 6.39
N GLN A 20 2.75 4.89 6.02
CA GLN A 20 3.77 5.65 5.30
C GLN A 20 5.00 5.89 6.18
N GLU A 21 4.79 6.06 7.48
CA GLU A 21 5.89 6.25 8.42
C GLU A 21 6.79 5.01 8.52
N LYS A 22 6.21 3.83 8.30
CA LYS A 22 6.94 2.57 8.30
C LYS A 22 7.85 2.43 7.09
N ASP A 23 7.49 3.13 6.01
CA ASP A 23 8.29 3.15 4.78
C ASP A 23 9.39 4.19 4.94
N THR A 24 10.41 3.83 5.71
CA THR A 24 11.47 4.76 6.10
C THR A 24 12.32 5.22 4.91
N GLY A 25 12.36 4.41 3.85
CA GLY A 25 13.14 4.75 2.68
C GLY A 25 12.32 5.44 1.59
N ASN A 26 11.05 5.71 1.88
CA ASN A 26 10.14 6.32 0.92
C ASN A 26 10.08 5.56 -0.41
N ILE A 27 10.17 4.25 -0.31
CA ILE A 27 10.18 3.40 -1.49
C ILE A 27 8.80 3.35 -2.15
N PHE A 28 7.75 3.46 -1.34
CA PHE A 28 6.40 3.30 -1.87
C PHE A 28 5.61 4.63 -1.93
N SER A 29 6.32 5.75 -1.90
CA SER A 29 5.68 7.06 -1.78
C SER A 29 4.91 7.47 -3.04
N GLU A 30 5.43 7.10 -4.20
CA GLU A 30 4.88 7.53 -5.49
C GLU A 30 4.82 6.34 -6.45
N PRO A 31 4.02 6.43 -7.53
CA PRO A 31 3.97 5.29 -8.45
C PRO A 31 5.34 4.93 -8.99
N VAL A 32 5.58 3.63 -9.19
CA VAL A 32 6.77 3.20 -9.90
C VAL A 32 6.76 3.89 -11.27
N PRO A 33 7.83 4.61 -11.61
CA PRO A 33 7.85 5.37 -12.86
C PRO A 33 7.91 4.47 -14.09
N LEU A 34 6.78 4.34 -14.79
CA LEU A 34 6.67 3.41 -15.91
C LEU A 34 7.64 3.71 -17.04
N SER A 35 7.98 4.99 -17.23
CA SER A 35 8.92 5.39 -18.27
C SER A 35 10.34 4.86 -17.99
N GLU A 36 10.65 4.63 -16.71
CA GLU A 36 11.96 4.10 -16.34
C GLU A 36 11.92 2.57 -16.17
N VAL A 37 10.72 2.04 -16.00
CA VAL A 37 10.53 0.60 -15.78
C VAL A 37 9.52 0.07 -16.80
N PRO A 38 9.91 0.03 -18.08
CA PRO A 38 8.92 -0.27 -19.13
C PRO A 38 8.38 -1.70 -19.13
N ASP A 39 9.00 -2.62 -18.40
CA ASP A 39 8.44 -3.97 -18.30
C ASP A 39 7.57 -4.18 -17.07
N TYR A 40 7.33 -3.10 -16.31
CA TYR A 40 6.60 -3.22 -15.04
C TYR A 40 5.18 -3.77 -15.27
N LEU A 41 4.47 -3.22 -16.25
CA LEU A 41 3.11 -3.66 -16.52
C LEU A 41 3.01 -5.05 -17.18
N ASP A 42 4.14 -5.59 -17.61
CA ASP A 42 4.20 -6.98 -18.09
C ASP A 42 4.01 -7.95 -16.92
N HIS A 43 4.32 -7.48 -15.72
CA HIS A 43 4.33 -8.31 -14.52
C HIS A 43 3.24 -7.91 -13.53
N ILE A 44 2.93 -6.62 -13.50
CA ILE A 44 2.03 -6.07 -12.49
C ILE A 44 0.69 -5.62 -13.07
N LYS A 45 -0.39 -6.24 -12.61
CA LYS A 45 -1.75 -5.95 -13.09
C LYS A 45 -2.25 -4.57 -12.68
N LYS A 46 -2.07 -4.22 -11.40
CA LYS A 46 -2.55 -2.94 -10.89
C LYS A 46 -1.52 -2.33 -9.95
N PRO A 47 -0.72 -1.40 -10.47
CA PRO A 47 0.23 -0.65 -9.64
C PRO A 47 -0.48 0.10 -8.52
N MET A 48 0.22 0.31 -7.41
CA MET A 48 -0.33 1.09 -6.30
C MET A 48 0.82 1.70 -5.51
N ASP A 49 0.54 2.79 -4.80
CA ASP A 49 1.53 3.51 -4.03
C ASP A 49 0.77 4.40 -3.07
N PHE A 50 1.48 4.99 -2.10
CA PHE A 50 0.85 5.77 -1.02
C PHE A 50 0.21 7.07 -1.50
N PHE A 51 0.81 7.74 -2.49
CA PHE A 51 0.23 8.97 -3.00
C PHE A 51 -1.13 8.70 -3.66
N THR A 52 -1.19 7.65 -4.46
CA THR A 52 -2.43 7.23 -5.10
C THR A 52 -3.50 6.87 -4.05
N MET A 53 -3.08 6.16 -3.00
CA MET A 53 -3.98 5.84 -1.90
C MET A 53 -4.55 7.10 -1.23
N LYS A 54 -3.71 8.10 -1.01
CA LYS A 54 -4.14 9.35 -0.39
C LYS A 54 -5.16 10.08 -1.27
N GLN A 55 -4.90 10.08 -2.58
CA GLN A 55 -5.82 10.67 -3.54
C GLN A 55 -7.16 9.95 -3.53
N ASN A 56 -7.13 8.62 -3.54
CA ASN A 56 -8.34 7.82 -3.42
C ASN A 56 -9.11 8.10 -2.13
N LEU A 57 -8.39 8.11 -1.01
CA LEU A 57 -8.96 8.42 0.30
C LEU A 57 -9.72 9.75 0.24
N GLU A 58 -9.06 10.80 -0.23
CA GLU A 58 -9.66 12.13 -0.25
C GLU A 58 -10.78 12.26 -1.28
N ALA A 59 -10.76 11.40 -2.29
CA ALA A 59 -11.79 11.42 -3.32
C ALA A 59 -12.94 10.48 -2.95
N TYR A 60 -12.94 10.04 -1.69
CA TYR A 60 -14.00 9.20 -1.14
C TYR A 60 -14.14 7.84 -1.85
N ARG A 61 -13.02 7.30 -2.33
CA ARG A 61 -13.04 5.98 -2.97
C ARG A 61 -12.90 4.80 -1.98
N TYR A 62 -12.59 5.10 -0.72
CA TYR A 62 -12.54 4.06 0.30
C TYR A 62 -13.70 4.27 1.27
N LEU A 63 -14.80 3.56 1.02
CA LEU A 63 -15.97 3.69 1.87
C LEU A 63 -16.15 2.48 2.78
N ASN A 64 -15.16 1.60 2.80
CA ASN A 64 -15.10 0.50 3.75
C ASN A 64 -13.64 0.11 3.99
N PHE A 65 -13.38 -0.70 5.00
CA PHE A 65 -12.00 -0.99 5.36
C PHE A 65 -11.34 -1.96 4.38
N ASP A 66 -12.13 -2.85 3.80
CA ASP A 66 -11.57 -3.86 2.91
C ASP A 66 -10.94 -3.25 1.67
N ASP A 67 -11.57 -2.22 1.10
CA ASP A 67 -11.02 -1.62 -0.11
C ASP A 67 -9.71 -0.89 0.17
N PHE A 68 -9.64 -0.26 1.34
CA PHE A 68 -8.41 0.37 1.81
C PHE A 68 -7.30 -0.67 1.97
N GLU A 69 -7.59 -1.76 2.68
CA GLU A 69 -6.63 -2.84 2.89
C GLU A 69 -6.13 -3.41 1.56
N GLU A 70 -7.05 -3.56 0.63
CA GLU A 70 -6.72 -4.22 -0.65
C GLU A 70 -5.66 -3.42 -1.39
N ASP A 71 -5.79 -2.10 -1.39
CA ASP A 71 -4.80 -1.25 -2.04
C ASP A 71 -3.45 -1.24 -1.31
N PHE A 72 -3.45 -1.19 0.03
CA PHE A 72 -2.17 -1.27 0.73
C PHE A 72 -1.48 -2.60 0.43
N ASN A 73 -2.25 -3.69 0.49
CA ASN A 73 -1.68 -5.01 0.21
C ASN A 73 -1.11 -5.13 -1.21
N LEU A 74 -1.68 -4.39 -2.16
CA LEU A 74 -1.14 -4.35 -3.51
C LEU A 74 0.24 -3.71 -3.52
N ILE A 75 0.42 -2.66 -2.72
CA ILE A 75 1.72 -1.98 -2.69
C ILE A 75 2.81 -3.00 -2.35
N VAL A 76 2.54 -3.79 -1.32
CA VAL A 76 3.48 -4.81 -0.86
C VAL A 76 3.61 -5.99 -1.84
N SER A 77 2.48 -6.55 -2.27
CA SER A 77 2.52 -7.74 -3.12
C SER A 77 3.12 -7.44 -4.49
N ASN A 78 2.84 -6.26 -5.05
CA ASN A 78 3.42 -5.91 -6.36
C ASN A 78 4.93 -5.86 -6.24
N CYS A 79 5.40 -5.33 -5.11
CA CYS A 79 6.84 -5.10 -4.95
C CYS A 79 7.58 -6.43 -4.80
N LEU A 80 7.01 -7.34 -4.02
CA LEU A 80 7.58 -8.69 -3.91
C LEU A 80 7.56 -9.40 -5.25
N LYS A 81 6.46 -9.24 -6.00
CA LYS A 81 6.34 -9.95 -7.27
C LYS A 81 7.29 -9.45 -8.35
N TYR A 82 7.52 -8.14 -8.37
CA TYR A 82 8.32 -7.55 -9.46
C TYR A 82 9.84 -7.64 -9.22
N ASN A 83 10.25 -7.34 -7.99
CA ASN A 83 11.67 -7.16 -7.67
C ASN A 83 12.38 -8.44 -7.23
N ALA A 84 13.64 -8.60 -7.63
CA ALA A 84 14.47 -9.73 -7.19
C ALA A 84 14.66 -9.73 -5.68
N LYS A 85 14.78 -10.93 -5.11
CA LYS A 85 14.84 -11.09 -3.67
C LYS A 85 16.02 -10.36 -3.02
N ASP A 86 17.10 -10.13 -3.77
CA ASP A 86 18.27 -9.49 -3.18
C ASP A 86 18.29 -7.95 -3.31
N THR A 87 17.15 -7.35 -3.62
CA THR A 87 17.09 -5.90 -3.83
C THR A 87 16.62 -5.17 -2.58
N ILE A 88 16.96 -3.89 -2.47
CA ILE A 88 16.45 -3.06 -1.38
C ILE A 88 14.92 -2.99 -1.40
N PHE A 89 14.35 -3.04 -2.60
CA PHE A 89 12.89 -2.92 -2.75
C PHE A 89 12.16 -4.13 -2.17
N TYR A 90 12.61 -5.31 -2.53
CA TYR A 90 12.01 -6.54 -2.03
C TYR A 90 12.13 -6.60 -0.50
N ARG A 91 13.32 -6.28 0.01
CA ARG A 91 13.56 -6.33 1.46
C ARG A 91 12.64 -5.36 2.21
N ALA A 92 12.47 -4.17 1.64
CA ALA A 92 11.55 -3.17 2.18
C ALA A 92 10.10 -3.64 2.20
N ALA A 93 9.68 -4.34 1.16
CA ALA A 93 8.32 -4.89 1.11
C ALA A 93 8.12 -5.98 2.16
N VAL A 94 9.14 -6.79 2.40
CA VAL A 94 9.05 -7.81 3.44
C VAL A 94 8.84 -7.14 4.80
N ARG A 95 9.61 -6.09 5.07
CA ARG A 95 9.51 -5.36 6.33
C ARG A 95 8.17 -4.65 6.45
N LEU A 96 7.74 -4.01 5.37
CA LEU A 96 6.48 -3.27 5.37
C LEU A 96 5.27 -4.20 5.58
N ARG A 97 5.34 -5.41 5.02
CA ARG A 97 4.27 -6.39 5.23
C ARG A 97 4.12 -6.69 6.73
N GLU A 98 5.24 -6.86 7.42
CA GLU A 98 5.17 -7.18 8.85
C GLU A 98 4.73 -5.98 9.68
N GLN A 99 5.37 -4.85 9.45
CA GLN A 99 5.08 -3.66 10.25
C GLN A 99 3.72 -3.06 9.90
N GLY A 100 3.44 -2.99 8.60
CA GLY A 100 2.16 -2.49 8.13
C GLY A 100 1.01 -3.40 8.50
N GLY A 101 1.29 -4.71 8.51
CA GLY A 101 0.31 -5.70 8.93
C GLY A 101 -0.19 -5.45 10.34
N ALA A 102 0.72 -5.11 11.26
CA ALA A 102 0.34 -4.79 12.64
C ALA A 102 -0.54 -3.53 12.69
N VAL A 103 -0.17 -2.54 11.88
CA VAL A 103 -0.95 -1.30 11.80
C VAL A 103 -2.38 -1.59 11.33
N LEU A 104 -2.50 -2.36 10.26
CA LEU A 104 -3.81 -2.70 9.70
C LEU A 104 -4.67 -3.54 10.65
N ARG A 105 -4.04 -4.46 11.39
CA ARG A 105 -4.74 -5.24 12.41
C ARG A 105 -5.39 -4.30 13.44
N GLN A 106 -4.62 -3.33 13.91
CA GLN A 106 -5.10 -2.40 14.92
C GLN A 106 -6.18 -1.50 14.33
N ALA A 107 -5.97 -1.06 13.09
CA ALA A 107 -6.90 -0.13 12.45
C ALA A 107 -8.24 -0.83 12.18
N ARG A 108 -8.17 -2.08 11.73
CA ARG A 108 -9.38 -2.87 11.52
C ARG A 108 -10.20 -2.98 12.80
N ARG A 109 -9.53 -3.22 13.93
CA ARG A 109 -10.23 -3.28 15.21
C ARG A 109 -10.93 -1.96 15.53
N GLN A 110 -10.31 -0.84 15.15
CA GLN A 110 -10.93 0.47 15.37
C GLN A 110 -12.15 0.65 14.48
N ALA A 111 -12.01 0.24 13.23
CA ALA A 111 -13.08 0.34 12.25
C ALA A 111 -14.28 -0.48 12.66
N GLU A 112 -14.03 -1.63 13.27
CA GLU A 112 -15.10 -2.45 13.83
C GLU A 112 -15.88 -1.71 14.91
N LYS A 113 -15.16 -0.92 15.69
CA LYS A 113 -15.79 -0.19 16.79
C LYS A 113 -16.68 0.95 16.30
N MET A 114 -16.46 1.36 15.06
CA MET A 114 -17.30 2.38 14.45
C MET A 114 -18.55 1.77 13.82
N GLY A 115 -18.64 1.86 12.49
CA GLY A 115 -19.87 1.45 11.82
C GLY A 115 -19.67 0.55 10.60
N ILE A 116 -18.47 -0.01 10.43
CA ILE A 116 -18.27 -0.95 9.33
C ILE A 116 -19.06 -2.23 9.60
N ASP A 117 -19.50 -2.87 8.52
CA ASP A 117 -20.33 -4.07 8.62
C ASP A 117 -19.56 -5.24 9.22
N GLY B 3 7.02 -17.82 -12.54
CA GLY B 3 7.18 -16.67 -13.41
C GLY B 3 8.45 -15.89 -13.11
N GLY B 4 9.23 -15.61 -14.15
CA GLY B 4 10.44 -14.81 -14.01
C GLY B 4 10.07 -13.40 -13.62
N LYS B 5 11.03 -12.66 -13.08
CA LYS B 5 10.79 -11.29 -12.68
C LYS B 5 11.29 -10.31 -13.72
N GLY B 6 10.99 -9.03 -13.53
CA GLY B 6 11.41 -7.99 -14.45
C GLY B 6 12.90 -7.68 -14.39
N LEU B 7 13.34 -6.78 -15.28
CA LEU B 7 14.74 -6.36 -15.33
C LEU B 7 15.14 -5.64 -14.07
N GLY B 8 14.22 -4.88 -13.49
CA GLY B 8 14.48 -4.17 -12.24
C GLY B 8 14.29 -2.66 -12.29
N GLY B 10 16.44 -0.42 -10.79
CA GLY B 10 17.68 0.32 -10.70
C GLY B 10 17.86 1.05 -9.39
#